data_1L2F
#
_entry.id   1L2F
#
_cell.length_a   116.191
_cell.length_b   116.191
_cell.length_c   64.631
_cell.angle_alpha   90.00
_cell.angle_beta   90.00
_cell.angle_gamma   90.00
#
_symmetry.space_group_name_H-M   'P 43 21 2'
#
loop_
_entity.id
_entity.type
_entity.pdbx_description
1 polymer 'N utilization substance protein A'
2 water water
#
_entity_poly.entity_id   1
_entity_poly.type   'polypeptide(L)'
_entity_poly.pdbx_seq_one_letter_code
;MGSSHHHHHHNYNIPTTENLYFQGH(MSE)NIGLLEALDQLEEEKGISKEEVIPILEKALVSAYRKNFGNSKNVEVVIDR
NTGNIKVYQLLEVVEEVEDPATQISLEEAKKIDPLAEVGSIVKKELNVKNFGRIAAQTAKQVLIQRIRELEKEKQFEKYS
ELKGTVTTAEVIRV(MSE)GEWADIRIGKLETRLPKKEWIPGEEIKAGDLVKVYIIDVVKTTKGPKILVSRRVPEFVIGL
(MSE)KLEIPEVENGIVEIKAIAREPGVRTKVAVASNDPNVDPIGACIGEGGSRIAAILKELKGEKLDVLKWSDDPKQLI
ANALAPATVIEVEILDKENKAARVLVPPTQLSLAIGKGGQNARLAAKLTGWKIDIKPI(MSE)NL
;
_entity_poly.pdbx_strand_id   A
#
# COMPACT_ATOMS: atom_id res chain seq x y z
N MSE A 26 -4.48 21.83 -31.39
CA MSE A 26 -4.80 22.82 -30.31
C MSE A 26 -3.78 23.95 -30.27
O MSE A 26 -2.62 23.73 -29.92
CB MSE A 26 -4.86 22.12 -28.94
CG MSE A 26 -5.08 23.07 -27.76
SE MSE A 26 -5.12 22.26 -26.13
CE MSE A 26 -6.89 22.23 -25.80
N ASN A 27 -4.21 25.16 -30.62
CA ASN A 27 -3.33 26.32 -30.59
C ASN A 27 -2.90 26.54 -29.14
N ILE A 28 -2.35 27.71 -28.85
CA ILE A 28 -1.93 28.05 -27.50
C ILE A 28 -2.89 27.36 -26.53
N GLY A 29 -4.06 27.96 -26.32
CA GLY A 29 -5.06 27.39 -25.42
C GLY A 29 -4.50 26.95 -24.09
N LEU A 30 -3.40 27.57 -23.70
CA LEU A 30 -2.72 27.24 -22.45
C LEU A 30 -3.56 27.63 -21.22
N LEU A 31 -4.01 28.88 -21.16
CA LEU A 31 -4.82 29.33 -20.04
C LEU A 31 -6.01 28.40 -19.89
N GLU A 32 -6.51 27.96 -21.04
CA GLU A 32 -7.63 27.05 -21.16
C GLU A 32 -7.57 25.96 -20.11
N ALA A 33 -6.69 25.00 -20.37
CA ALA A 33 -6.49 23.86 -19.49
C ALA A 33 -6.15 24.27 -18.06
N LEU A 34 -5.21 25.21 -17.91
CA LEU A 34 -4.81 25.63 -16.59
C LEU A 34 -5.98 25.93 -15.69
N ASP A 35 -6.90 26.75 -16.17
CA ASP A 35 -8.09 27.09 -15.39
C ASP A 35 -8.93 25.84 -15.15
N GLN A 36 -9.14 25.05 -16.21
CA GLN A 36 -9.92 23.81 -16.11
C GLN A 36 -9.32 22.80 -15.14
N LEU A 37 -8.01 22.82 -15.00
CA LEU A 37 -7.30 21.91 -14.10
C LEU A 37 -7.40 22.38 -12.66
N GLU A 38 -7.17 23.67 -12.44
CA GLU A 38 -7.21 24.23 -11.10
C GLU A 38 -8.60 24.12 -10.49
N GLU A 39 -9.58 23.77 -11.32
CA GLU A 39 -10.96 23.63 -10.86
C GLU A 39 -11.45 22.19 -10.96
N GLU A 40 -10.82 21.43 -11.85
CA GLU A 40 -11.20 20.04 -12.03
C GLU A 40 -10.39 19.12 -11.13
N LYS A 41 -9.16 19.52 -10.81
CA LYS A 41 -8.29 18.72 -9.95
C LYS A 41 -7.57 19.47 -8.83
N GLY A 42 -7.99 20.72 -8.61
CA GLY A 42 -7.40 21.53 -7.55
C GLY A 42 -5.95 21.94 -7.69
N ILE A 43 -5.32 21.52 -8.78
CA ILE A 43 -3.93 21.85 -9.03
C ILE A 43 -3.78 23.33 -9.38
N SER A 44 -3.11 24.08 -8.50
CA SER A 44 -2.90 25.51 -8.73
C SER A 44 -2.05 25.83 -9.97
N LYS A 45 -2.48 26.81 -10.76
CA LYS A 45 -1.74 27.17 -11.96
C LYS A 45 -0.40 27.84 -11.61
N GLU A 46 -0.35 28.48 -10.46
CA GLU A 46 0.89 29.12 -10.06
C GLU A 46 1.92 28.05 -9.78
N GLU A 47 1.48 26.81 -9.56
CA GLU A 47 2.45 25.78 -9.30
C GLU A 47 2.89 25.21 -10.63
N VAL A 48 2.03 25.34 -11.65
CA VAL A 48 2.35 24.81 -12.97
C VAL A 48 3.07 25.75 -13.96
N ILE A 49 2.63 27.01 -14.05
CA ILE A 49 3.23 27.95 -14.97
C ILE A 49 4.76 27.95 -14.89
N PRO A 50 5.30 28.16 -13.68
CA PRO A 50 6.74 28.19 -13.47
C PRO A 50 7.43 26.94 -13.98
N ILE A 51 6.94 25.77 -13.57
CA ILE A 51 7.54 24.52 -14.02
C ILE A 51 7.49 24.46 -15.54
N LEU A 52 6.38 24.94 -16.09
CA LEU A 52 6.18 24.97 -17.53
C LEU A 52 7.11 25.98 -18.21
N GLU A 53 7.27 27.14 -17.61
CA GLU A 53 8.13 28.16 -18.19
C GLU A 53 9.57 27.70 -18.34
N LYS A 54 10.05 26.95 -17.35
CA LYS A 54 11.41 26.42 -17.38
C LYS A 54 11.50 25.28 -18.38
N ALA A 55 10.42 24.52 -18.53
CA ALA A 55 10.48 23.43 -19.49
C ALA A 55 10.45 23.99 -20.92
N LEU A 56 9.83 25.16 -21.10
CA LEU A 56 9.75 25.78 -22.40
C LEU A 56 11.10 26.24 -22.90
N VAL A 57 11.92 26.75 -21.97
CA VAL A 57 13.25 27.18 -22.34
C VAL A 57 13.90 25.92 -22.87
N SER A 58 13.77 24.86 -22.10
CA SER A 58 14.33 23.58 -22.47
C SER A 58 13.86 23.21 -23.87
N ALA A 59 12.55 23.25 -24.11
CA ALA A 59 12.00 22.90 -25.41
C ALA A 59 12.54 23.78 -26.52
N TYR A 60 12.55 25.09 -26.29
CA TYR A 60 13.06 26.01 -27.29
C TYR A 60 14.50 25.65 -27.68
N ARG A 61 15.30 25.24 -26.69
CA ARG A 61 16.71 24.86 -26.91
C ARG A 61 16.83 23.54 -27.67
N LYS A 62 16.22 22.50 -27.14
CA LYS A 62 16.28 21.19 -27.78
C LYS A 62 15.50 21.18 -29.10
N ASN A 63 14.82 22.28 -29.41
CA ASN A 63 14.07 22.40 -30.66
C ASN A 63 14.67 23.45 -31.59
N PHE A 64 14.67 24.71 -31.18
CA PHE A 64 15.26 25.78 -31.97
C PHE A 64 16.74 25.80 -31.65
N GLY A 65 17.41 26.90 -31.95
CA GLY A 65 18.84 26.98 -31.66
C GLY A 65 19.19 26.93 -30.19
N ASN A 66 20.45 26.62 -29.90
CA ASN A 66 20.90 26.57 -28.52
C ASN A 66 21.94 27.66 -28.37
N SER A 67 21.86 28.67 -29.22
CA SER A 67 22.80 29.78 -29.16
C SER A 67 22.38 30.91 -28.21
N LYS A 68 21.17 31.42 -28.41
CA LYS A 68 20.64 32.50 -27.58
C LYS A 68 20.28 32.05 -26.17
N ASN A 69 20.55 32.88 -25.16
CA ASN A 69 20.20 32.55 -23.76
C ASN A 69 18.79 33.11 -23.60
N VAL A 70 17.79 32.24 -23.67
CA VAL A 70 16.42 32.68 -23.61
C VAL A 70 15.66 32.43 -22.31
N GLU A 71 14.63 33.25 -22.12
CA GLU A 71 13.77 33.19 -20.96
C GLU A 71 12.35 33.18 -21.51
N VAL A 72 11.46 32.43 -20.88
CA VAL A 72 10.09 32.36 -21.36
C VAL A 72 9.10 32.75 -20.28
N VAL A 73 8.11 33.53 -20.67
CA VAL A 73 7.11 33.97 -19.72
C VAL A 73 5.72 33.81 -20.29
N ILE A 74 4.91 33.02 -19.59
CA ILE A 74 3.53 32.80 -19.96
C ILE A 74 2.73 33.99 -19.44
N ASP A 75 2.05 34.73 -20.32
CA ASP A 75 1.24 35.87 -19.87
C ASP A 75 0.09 35.35 -19.00
N ARG A 76 -0.05 35.87 -17.80
CA ARG A 76 -1.10 35.44 -16.88
C ARG A 76 -2.53 35.90 -17.23
N ASN A 77 -2.67 36.82 -18.17
CA ASN A 77 -4.00 37.28 -18.57
C ASN A 77 -4.40 36.50 -19.81
N THR A 78 -3.45 36.18 -20.68
CA THR A 78 -3.78 35.47 -21.91
C THR A 78 -3.21 34.08 -22.05
N GLY A 79 -2.14 33.80 -21.31
CA GLY A 79 -1.51 32.50 -21.45
C GLY A 79 -0.66 32.47 -22.71
N ASN A 80 -0.54 33.59 -23.41
CA ASN A 80 0.30 33.62 -24.61
C ASN A 80 1.76 33.58 -24.15
N ILE A 81 2.52 32.69 -24.78
CA ILE A 81 3.92 32.50 -24.46
C ILE A 81 4.81 33.60 -25.04
N LYS A 82 5.58 34.25 -24.18
CA LYS A 82 6.51 35.30 -24.59
C LYS A 82 7.92 34.69 -24.48
N VAL A 83 8.81 35.07 -25.38
CA VAL A 83 10.19 34.56 -25.35
C VAL A 83 11.18 35.71 -25.47
N TYR A 84 11.98 35.90 -24.43
CA TYR A 84 12.99 36.96 -24.40
C TYR A 84 14.43 36.44 -24.45
N GLN A 85 15.26 37.11 -25.24
CA GLN A 85 16.67 36.77 -25.34
C GLN A 85 17.35 37.62 -24.30
N LEU A 86 18.17 37.01 -23.43
CA LEU A 86 18.87 37.77 -22.42
C LEU A 86 20.24 38.24 -22.91
N LEU A 87 20.70 39.37 -22.40
CA LEU A 87 21.99 39.89 -22.81
C LEU A 87 22.64 40.67 -21.67
N GLU A 88 23.94 40.44 -21.48
CA GLU A 88 24.64 41.16 -20.42
C GLU A 88 25.10 42.50 -20.95
N VAL A 89 24.66 43.58 -20.31
CA VAL A 89 25.08 44.88 -20.73
C VAL A 89 26.46 45.12 -20.12
N VAL A 90 27.46 45.16 -20.99
CA VAL A 90 28.83 45.37 -20.58
C VAL A 90 29.40 46.59 -21.29
N GLU A 91 30.71 46.61 -21.45
CA GLU A 91 31.39 47.71 -22.12
C GLU A 91 32.09 47.21 -23.37
N GLU A 92 31.99 45.91 -23.66
CA GLU A 92 32.64 45.33 -24.81
C GLU A 92 31.66 44.77 -25.86
N VAL A 93 32.18 43.94 -26.76
CA VAL A 93 31.38 43.32 -27.83
C VAL A 93 31.89 41.91 -28.10
N GLU A 94 32.49 41.28 -27.09
CA GLU A 94 33.02 39.92 -27.21
C GLU A 94 32.04 38.93 -27.86
N ASP A 95 30.87 38.74 -27.24
CA ASP A 95 29.86 37.83 -27.76
C ASP A 95 28.55 38.58 -27.96
N PRO A 96 28.24 38.95 -29.21
CA PRO A 96 27.00 39.69 -29.52
C PRO A 96 25.74 38.95 -29.08
N ALA A 97 25.82 37.63 -29.18
CA ALA A 97 24.73 36.71 -28.82
C ALA A 97 24.37 36.72 -27.34
N THR A 98 25.32 37.13 -26.50
CA THR A 98 25.08 37.14 -25.06
C THR A 98 25.38 38.49 -24.41
N GLN A 99 26.01 39.36 -25.17
CA GLN A 99 26.40 40.67 -24.65
C GLN A 99 25.93 41.85 -25.49
N ILE A 100 25.92 43.02 -24.85
CA ILE A 100 25.58 44.24 -25.54
C ILE A 100 26.10 45.48 -24.82
N SER A 101 26.64 46.40 -25.63
CA SER A 101 27.20 47.66 -25.14
C SER A 101 26.09 48.45 -24.45
N LEU A 102 26.46 49.53 -23.76
CA LEU A 102 25.47 50.35 -23.05
C LEU A 102 24.67 51.31 -23.95
N GLU A 103 24.96 51.29 -25.25
CA GLU A 103 24.24 52.14 -26.19
C GLU A 103 23.25 51.32 -26.99
N GLU A 104 23.58 50.06 -27.21
CA GLU A 104 22.69 49.19 -27.94
C GLU A 104 21.61 48.77 -26.93
N ALA A 105 21.98 48.79 -25.65
CA ALA A 105 21.10 48.44 -24.56
C ALA A 105 20.18 49.57 -24.14
N LYS A 106 20.75 50.67 -23.64
CA LYS A 106 19.99 51.84 -23.21
C LYS A 106 18.83 52.14 -24.15
N LYS A 107 19.11 52.09 -25.44
CA LYS A 107 18.11 52.34 -26.48
C LYS A 107 16.95 51.36 -26.34
N ILE A 108 16.96 50.37 -27.23
CA ILE A 108 15.95 49.31 -27.30
C ILE A 108 15.28 48.91 -25.98
N ASP A 109 16.05 48.87 -24.91
CA ASP A 109 15.56 48.49 -23.58
C ASP A 109 15.63 49.61 -22.56
N PRO A 110 15.13 49.36 -21.33
CA PRO A 110 15.15 50.37 -20.27
C PRO A 110 16.49 51.05 -20.12
N LEU A 111 16.54 51.96 -19.14
CA LEU A 111 17.75 52.70 -18.82
C LEU A 111 18.70 51.76 -18.08
N ALA A 112 19.50 51.02 -18.85
CA ALA A 112 20.44 50.06 -18.30
C ALA A 112 21.57 50.69 -17.49
N GLU A 113 22.66 49.94 -17.37
CA GLU A 113 23.86 50.34 -16.65
C GLU A 113 24.72 49.08 -16.70
N VAL A 114 26.03 49.22 -16.88
CA VAL A 114 26.91 48.06 -16.97
C VAL A 114 26.60 47.06 -15.86
N GLY A 115 26.44 45.80 -16.25
CA GLY A 115 26.13 44.76 -15.29
C GLY A 115 24.65 44.64 -14.99
N SER A 116 23.84 44.77 -16.02
CA SER A 116 22.39 44.72 -15.87
C SER A 116 21.69 43.80 -16.84
N ILE A 117 20.39 43.73 -16.63
CA ILE A 117 19.42 42.95 -17.37
C ILE A 117 18.97 43.65 -18.64
N VAL A 118 18.74 42.88 -19.69
CA VAL A 118 18.25 43.41 -20.96
C VAL A 118 17.64 42.25 -21.74
N LYS A 119 16.30 42.29 -21.89
CA LYS A 119 15.54 41.25 -22.58
C LYS A 119 14.94 41.67 -23.91
N LYS A 120 15.45 41.11 -25.00
CA LYS A 120 14.96 41.42 -26.34
C LYS A 120 13.93 40.34 -26.61
N GLU A 121 12.70 40.73 -26.94
CA GLU A 121 11.66 39.75 -27.21
C GLU A 121 11.99 39.10 -28.51
N LEU A 122 11.65 37.83 -28.66
CA LEU A 122 11.95 37.12 -29.89
C LEU A 122 10.75 36.60 -30.66
N ASN A 123 10.18 37.43 -31.52
CA ASN A 123 9.04 36.96 -32.30
C ASN A 123 9.58 35.73 -33.03
N VAL A 124 8.92 34.60 -32.86
CA VAL A 124 9.37 33.38 -33.52
C VAL A 124 8.30 32.30 -33.50
N LYS A 125 7.71 32.03 -34.67
CA LYS A 125 6.67 31.01 -34.77
C LYS A 125 7.33 29.65 -34.98
N ASN A 126 6.49 28.64 -35.22
CA ASN A 126 6.97 27.27 -35.42
C ASN A 126 7.32 26.62 -34.09
N PHE A 127 7.18 27.39 -33.03
CA PHE A 127 7.45 26.92 -31.69
C PHE A 127 6.11 26.56 -31.05
N GLY A 128 5.05 27.22 -31.52
CA GLY A 128 3.72 26.96 -31.00
C GLY A 128 3.47 25.47 -30.88
N ARG A 129 3.81 24.76 -31.93
CA ARG A 129 3.66 23.32 -31.99
C ARG A 129 4.33 22.69 -30.76
N ILE A 130 5.66 22.71 -30.76
CA ILE A 130 6.48 22.17 -29.67
C ILE A 130 5.97 22.54 -28.28
N ALA A 131 5.83 23.84 -28.04
CA ALA A 131 5.37 24.35 -26.76
C ALA A 131 4.15 23.61 -26.24
N ALA A 132 3.23 23.30 -27.14
CA ALA A 132 2.01 22.59 -26.76
C ALA A 132 2.33 21.23 -26.18
N GLN A 133 3.22 20.50 -26.85
CA GLN A 133 3.62 19.17 -26.42
C GLN A 133 4.22 19.18 -25.02
N THR A 134 5.24 20.01 -24.83
CA THR A 134 5.90 20.09 -23.53
C THR A 134 4.89 20.53 -22.47
N ALA A 135 3.88 21.32 -22.87
CA ALA A 135 2.85 21.73 -21.92
C ALA A 135 2.08 20.46 -21.51
N LYS A 136 1.70 19.65 -22.50
CA LYS A 136 0.98 18.42 -22.24
C LYS A 136 1.77 17.63 -21.20
N GLN A 137 3.02 17.36 -21.52
CA GLN A 137 3.88 16.60 -20.61
C GLN A 137 3.79 17.09 -19.17
N VAL A 138 4.14 18.35 -18.97
CA VAL A 138 4.12 18.97 -17.66
C VAL A 138 2.81 18.73 -16.94
N LEU A 139 1.70 19.00 -17.61
CA LEU A 139 0.38 18.82 -17.01
C LEU A 139 0.17 17.38 -16.60
N ILE A 140 0.65 16.45 -17.41
CA ILE A 140 0.49 15.06 -17.08
C ILE A 140 1.31 14.72 -15.86
N GLN A 141 2.56 15.16 -15.84
CA GLN A 141 3.43 14.87 -14.69
C GLN A 141 2.85 15.46 -13.41
N ARG A 142 2.13 16.56 -13.53
CA ARG A 142 1.52 17.19 -12.36
C ARG A 142 0.34 16.32 -11.93
N ILE A 143 -0.38 15.80 -12.91
CA ILE A 143 -1.52 14.94 -12.64
C ILE A 143 -1.06 13.64 -11.99
N ARG A 144 -0.02 13.01 -12.54
CA ARG A 144 0.49 11.78 -11.96
C ARG A 144 0.80 11.99 -10.50
N GLU A 145 1.34 13.16 -10.16
CA GLU A 145 1.65 13.47 -8.76
C GLU A 145 0.38 13.55 -7.91
N LEU A 146 -0.64 14.24 -8.44
CA LEU A 146 -1.89 14.38 -7.73
C LEU A 146 -2.44 12.97 -7.53
N GLU A 147 -2.44 12.20 -8.62
CA GLU A 147 -2.90 10.83 -8.61
C GLU A 147 -2.18 10.04 -7.51
N LYS A 148 -0.85 10.16 -7.47
CA LYS A 148 -0.07 9.46 -6.46
C LYS A 148 -0.59 9.80 -5.06
N GLU A 149 -0.94 11.06 -4.83
CA GLU A 149 -1.44 11.47 -3.53
C GLU A 149 -2.87 10.96 -3.34
N LYS A 150 -3.47 10.54 -4.45
CA LYS A 150 -4.84 10.04 -4.47
C LYS A 150 -4.81 8.53 -4.19
N GLN A 151 -3.71 7.89 -4.54
CA GLN A 151 -3.52 6.47 -4.30
C GLN A 151 -3.46 6.27 -2.77
N PHE A 152 -2.61 7.09 -2.14
CA PHE A 152 -2.42 7.02 -0.71
C PHE A 152 -3.70 7.20 0.04
N GLU A 153 -4.62 7.95 -0.54
CA GLU A 153 -5.90 8.22 0.10
C GLU A 153 -6.75 6.95 0.11
N LYS A 154 -6.99 6.40 -1.08
CA LYS A 154 -7.81 5.20 -1.20
C LYS A 154 -7.19 4.03 -0.49
N TYR A 155 -6.04 3.59 -1.00
CA TYR A 155 -5.35 2.45 -0.43
C TYR A 155 -5.10 2.47 1.08
N SER A 156 -5.20 3.61 1.74
CA SER A 156 -5.01 3.60 3.20
C SER A 156 -6.28 3.07 3.84
N GLU A 157 -7.38 3.15 3.11
CA GLU A 157 -8.65 2.68 3.61
C GLU A 157 -8.66 1.16 3.63
N LEU A 158 -7.76 0.56 2.87
CA LEU A 158 -7.65 -0.90 2.79
C LEU A 158 -6.80 -1.40 3.94
N LYS A 159 -6.26 -0.48 4.73
CA LYS A 159 -5.42 -0.86 5.84
C LYS A 159 -6.17 -1.86 6.70
N GLY A 160 -5.47 -2.87 7.22
CA GLY A 160 -6.11 -3.87 8.06
C GLY A 160 -7.11 -4.82 7.39
N THR A 161 -7.02 -5.00 6.07
CA THR A 161 -7.96 -5.91 5.40
C THR A 161 -7.13 -6.84 4.56
N VAL A 162 -7.79 -7.80 3.94
CA VAL A 162 -7.08 -8.72 3.06
C VAL A 162 -7.60 -8.49 1.65
N THR A 163 -6.70 -8.44 0.68
CA THR A 163 -7.12 -8.25 -0.69
C THR A 163 -6.25 -9.12 -1.56
N THR A 164 -6.81 -9.56 -2.68
CA THR A 164 -6.04 -10.38 -3.59
C THR A 164 -5.05 -9.49 -4.32
N ALA A 165 -3.88 -10.04 -4.63
CA ALA A 165 -2.85 -9.30 -5.34
C ALA A 165 -2.23 -10.20 -6.39
N GLU A 166 -1.64 -9.59 -7.42
CA GLU A 166 -1.01 -10.37 -8.47
C GLU A 166 0.50 -10.31 -8.34
N VAL A 167 1.13 -11.47 -8.44
CA VAL A 167 2.56 -11.55 -8.32
C VAL A 167 3.17 -11.25 -9.67
N ILE A 168 3.88 -10.13 -9.78
CA ILE A 168 4.52 -9.77 -11.04
C ILE A 168 5.75 -10.67 -11.23
N ARG A 169 6.70 -10.59 -10.32
CA ARG A 169 7.88 -11.42 -10.39
C ARG A 169 8.31 -11.82 -9.01
N VAL A 170 9.13 -12.86 -8.95
CA VAL A 170 9.64 -13.38 -7.69
C VAL A 170 11.15 -13.34 -7.76
N MSE A 171 11.76 -12.67 -6.80
CA MSE A 171 13.21 -12.58 -6.75
C MSE A 171 13.60 -13.37 -5.51
O MSE A 171 12.76 -14.00 -4.90
CB MSE A 171 13.65 -11.12 -6.60
CG MSE A 171 15.15 -10.93 -6.66
SE MSE A 171 15.68 -9.22 -6.44
CE MSE A 171 14.57 -8.44 -7.68
N GLY A 172 14.87 -13.33 -5.13
CA GLY A 172 15.27 -14.07 -3.97
C GLY A 172 14.53 -13.76 -2.68
N GLU A 173 14.76 -12.57 -2.13
CA GLU A 173 14.16 -12.19 -0.85
C GLU A 173 12.79 -11.53 -0.90
N TRP A 174 12.21 -11.38 -2.08
CA TRP A 174 10.90 -10.81 -2.19
C TRP A 174 10.27 -11.04 -3.55
N ALA A 175 8.96 -10.82 -3.59
CA ALA A 175 8.20 -10.95 -4.80
C ALA A 175 7.56 -9.59 -5.01
N ASP A 176 7.57 -9.13 -6.26
CA ASP A 176 6.93 -7.87 -6.59
C ASP A 176 5.50 -8.26 -6.90
N ILE A 177 4.58 -7.63 -6.19
CA ILE A 177 3.19 -7.96 -6.35
C ILE A 177 2.43 -6.72 -6.79
N ARG A 178 1.26 -6.89 -7.38
CA ARG A 178 0.47 -5.75 -7.82
C ARG A 178 -0.87 -5.68 -7.14
N ILE A 179 -1.21 -4.50 -6.65
CA ILE A 179 -2.50 -4.28 -5.99
C ILE A 179 -3.12 -3.03 -6.62
N GLY A 180 -4.17 -3.23 -7.41
CA GLY A 180 -4.80 -2.10 -8.07
C GLY A 180 -3.77 -1.52 -9.02
N LYS A 181 -3.64 -0.19 -9.04
CA LYS A 181 -2.65 0.44 -9.90
C LYS A 181 -1.31 0.48 -9.18
N LEU A 182 -1.32 0.14 -7.90
CA LEU A 182 -0.08 0.16 -7.13
C LEU A 182 0.70 -1.14 -7.18
N GLU A 183 1.98 -1.01 -6.84
CA GLU A 183 2.91 -2.11 -6.84
C GLU A 183 3.85 -2.03 -5.62
N THR A 184 3.97 -3.15 -4.90
CA THR A 184 4.87 -3.26 -3.74
C THR A 184 5.55 -4.63 -3.70
N ARG A 185 6.46 -4.75 -2.75
CA ARG A 185 7.17 -5.98 -2.56
C ARG A 185 6.51 -6.74 -1.41
N LEU A 186 6.53 -8.07 -1.50
CA LEU A 186 5.98 -8.93 -0.45
C LEU A 186 7.23 -9.69 -0.10
N PRO A 187 7.94 -9.24 0.94
CA PRO A 187 9.18 -9.90 1.36
C PRO A 187 8.96 -11.36 1.69
N LYS A 188 9.92 -12.20 1.30
CA LYS A 188 9.87 -13.63 1.57
C LYS A 188 9.74 -13.91 3.09
N LYS A 189 10.30 -13.01 3.90
CA LYS A 189 10.24 -13.13 5.35
C LYS A 189 8.78 -12.97 5.83
N GLU A 190 7.94 -12.48 4.95
CA GLU A 190 6.56 -12.20 5.29
C GLU A 190 5.59 -13.16 4.65
N TRP A 191 6.09 -14.13 3.94
CA TRP A 191 5.10 -15.03 3.41
C TRP A 191 5.08 -16.33 4.16
N ILE A 192 4.02 -17.11 3.99
CA ILE A 192 3.89 -18.33 4.74
C ILE A 192 5.12 -19.20 4.69
N PRO A 193 5.78 -19.36 5.85
CA PRO A 193 7.00 -20.16 5.99
C PRO A 193 6.82 -21.49 5.28
N GLY A 194 7.60 -21.71 4.23
CA GLY A 194 7.49 -22.95 3.48
C GLY A 194 6.75 -22.83 2.16
N GLU A 195 5.99 -21.76 1.97
CA GLU A 195 5.24 -21.63 0.73
C GLU A 195 6.04 -21.23 -0.46
N GLU A 196 5.46 -21.49 -1.62
CA GLU A 196 6.05 -21.18 -2.91
C GLU A 196 5.14 -20.12 -3.51
N ILE A 197 5.74 -19.15 -4.18
CA ILE A 197 4.96 -18.12 -4.83
C ILE A 197 5.71 -17.94 -6.14
N LYS A 198 4.97 -17.84 -7.25
CA LYS A 198 5.59 -17.70 -8.57
C LYS A 198 4.92 -16.53 -9.29
N ALA A 199 5.64 -15.97 -10.27
CA ALA A 199 5.07 -14.89 -11.04
C ALA A 199 3.73 -15.37 -11.57
N GLY A 200 2.81 -14.46 -11.79
CA GLY A 200 1.52 -14.86 -12.31
C GLY A 200 0.59 -15.31 -11.21
N ASP A 201 1.11 -15.67 -10.06
CA ASP A 201 0.23 -16.09 -8.97
C ASP A 201 -0.63 -14.94 -8.49
N LEU A 202 -1.77 -15.30 -7.93
CA LEU A 202 -2.71 -14.37 -7.34
C LEU A 202 -2.72 -14.85 -5.89
N VAL A 203 -2.12 -14.07 -5.00
CA VAL A 203 -2.08 -14.46 -3.60
C VAL A 203 -2.76 -13.40 -2.82
N LYS A 204 -3.42 -13.79 -1.73
CA LYS A 204 -4.06 -12.80 -0.88
C LYS A 204 -3.03 -12.29 0.16
N VAL A 205 -3.06 -10.99 0.43
CA VAL A 205 -2.14 -10.40 1.38
C VAL A 205 -2.87 -9.52 2.35
N TYR A 206 -2.23 -9.27 3.48
CA TYR A 206 -2.81 -8.44 4.51
C TYR A 206 -2.07 -7.12 4.47
N ILE A 207 -2.83 -6.03 4.52
CA ILE A 207 -2.25 -4.68 4.50
C ILE A 207 -2.03 -4.21 5.93
N ILE A 208 -0.78 -4.19 6.34
CA ILE A 208 -0.39 -3.75 7.66
C ILE A 208 -0.56 -2.24 7.72
N ASP A 209 -0.08 -1.59 6.67
CA ASP A 209 -0.12 -0.15 6.63
C ASP A 209 0.21 0.34 5.23
N VAL A 210 -0.15 1.59 4.96
CA VAL A 210 0.13 2.22 3.69
C VAL A 210 0.94 3.46 4.05
N VAL A 211 2.13 3.59 3.49
CA VAL A 211 2.96 4.72 3.86
C VAL A 211 3.32 5.59 2.67
N LYS A 212 3.46 6.88 2.91
CA LYS A 212 3.82 7.83 1.84
C LYS A 212 5.33 7.86 1.67
N THR A 213 5.82 7.23 0.61
CA THR A 213 7.24 7.18 0.34
C THR A 213 7.57 8.24 -0.68
N THR A 214 8.72 8.87 -0.51
CA THR A 214 9.18 9.91 -1.43
C THR A 214 9.48 9.25 -2.77
N LYS A 215 8.49 8.52 -3.27
CA LYS A 215 8.59 7.81 -4.54
C LYS A 215 7.30 7.01 -4.76
N GLY A 216 6.18 7.57 -4.31
CA GLY A 216 4.90 6.91 -4.43
C GLY A 216 4.44 6.26 -3.14
N PRO A 217 3.12 6.02 -2.97
CA PRO A 217 2.69 5.37 -1.72
C PRO A 217 3.05 3.89 -1.76
N LYS A 218 3.54 3.36 -0.64
CA LYS A 218 3.91 1.94 -0.59
C LYS A 218 3.09 1.16 0.42
N ILE A 219 2.41 0.12 -0.06
CA ILE A 219 1.59 -0.71 0.81
C ILE A 219 2.40 -1.84 1.48
N LEU A 220 2.39 -1.86 2.81
CA LEU A 220 3.08 -2.91 3.59
C LEU A 220 2.13 -4.09 3.67
N VAL A 221 2.58 -5.28 3.23
CA VAL A 221 1.74 -6.47 3.22
C VAL A 221 2.38 -7.67 3.88
N SER A 222 1.56 -8.63 4.28
CA SER A 222 2.07 -9.83 4.90
C SER A 222 1.05 -10.96 4.75
N ARG A 223 1.52 -12.20 4.78
CA ARG A 223 0.66 -13.38 4.72
C ARG A 223 1.01 -14.27 5.92
N ARG A 224 1.84 -13.72 6.79
CA ARG A 224 2.39 -14.43 7.94
C ARG A 224 1.83 -13.94 9.27
N VAL A 225 1.54 -12.67 9.31
CA VAL A 225 0.98 -11.99 10.47
C VAL A 225 -0.36 -12.69 10.80
N PRO A 226 -0.75 -12.73 12.08
CA PRO A 226 -2.02 -13.37 12.46
C PRO A 226 -3.30 -12.70 11.95
N GLU A 227 -3.24 -11.41 11.71
CA GLU A 227 -4.42 -10.70 11.21
C GLU A 227 -4.74 -11.19 9.81
N PHE A 228 -3.79 -11.87 9.19
CA PHE A 228 -4.04 -12.40 7.87
C PHE A 228 -5.17 -13.42 7.95
N VAL A 229 -5.08 -14.34 8.91
CA VAL A 229 -6.12 -15.37 9.03
C VAL A 229 -7.46 -14.69 9.28
N ILE A 230 -7.45 -13.68 10.14
CA ILE A 230 -8.68 -12.94 10.40
C ILE A 230 -9.19 -12.36 9.07
N GLY A 231 -8.27 -11.70 8.34
CA GLY A 231 -8.61 -11.10 7.06
C GLY A 231 -9.29 -12.08 6.13
N LEU A 232 -8.74 -13.29 6.03
CA LEU A 232 -9.34 -14.32 5.18
C LEU A 232 -10.74 -14.67 5.64
N MSE A 233 -10.91 -14.77 6.95
CA MSE A 233 -12.20 -15.14 7.49
C MSE A 233 -13.25 -14.08 7.12
O MSE A 233 -14.38 -14.43 6.75
CB MSE A 233 -12.10 -15.35 9.01
CG MSE A 233 -11.28 -16.62 9.38
SE MSE A 233 -11.19 -17.06 11.15
CE MSE A 233 -10.17 -15.88 11.62
N LYS A 234 -12.87 -12.80 7.18
CA LYS A 234 -13.80 -11.73 6.82
C LYS A 234 -14.29 -11.89 5.37
N LEU A 235 -13.41 -12.36 4.50
CA LEU A 235 -13.76 -12.57 3.10
C LEU A 235 -14.72 -13.74 2.92
N GLU A 236 -14.23 -14.96 3.16
CA GLU A 236 -15.05 -16.14 3.00
C GLU A 236 -16.25 -16.25 3.91
N ILE A 237 -16.29 -15.45 4.96
CA ILE A 237 -17.40 -15.55 5.88
C ILE A 237 -18.08 -14.20 6.10
N PRO A 238 -19.30 -14.06 5.57
CA PRO A 238 -20.10 -12.84 5.67
C PRO A 238 -20.34 -12.42 7.11
N GLU A 239 -20.94 -13.31 7.91
CA GLU A 239 -21.21 -12.97 9.30
C GLU A 239 -19.97 -12.50 10.06
N VAL A 240 -18.77 -12.80 9.58
CA VAL A 240 -17.59 -12.31 10.27
C VAL A 240 -17.35 -10.89 9.78
N GLU A 241 -17.58 -10.65 8.48
CA GLU A 241 -17.43 -9.31 7.95
C GLU A 241 -18.49 -8.47 8.69
N ASN A 242 -19.71 -9.00 8.78
CA ASN A 242 -20.82 -8.34 9.46
C ASN A 242 -20.46 -8.00 10.89
N GLY A 243 -20.39 -9.04 11.72
CA GLY A 243 -20.06 -8.86 13.13
C GLY A 243 -20.96 -9.83 13.88
N ILE A 244 -21.81 -10.51 13.12
CA ILE A 244 -22.75 -11.50 13.65
C ILE A 244 -21.98 -12.66 14.27
N VAL A 245 -20.76 -12.82 13.81
CA VAL A 245 -19.85 -13.83 14.31
C VAL A 245 -18.62 -13.01 14.62
N GLU A 246 -18.23 -13.05 15.88
CA GLU A 246 -17.11 -12.28 16.37
C GLU A 246 -15.89 -13.17 16.62
N ILE A 247 -14.70 -12.64 16.36
CA ILE A 247 -13.52 -13.41 16.61
C ILE A 247 -12.99 -12.94 17.95
N LYS A 248 -13.22 -13.79 18.95
CA LYS A 248 -12.84 -13.51 20.31
C LYS A 248 -11.34 -13.65 20.51
N ALA A 249 -10.72 -14.71 19.99
CA ALA A 249 -9.27 -14.89 20.15
C ALA A 249 -8.62 -15.70 19.01
N ILE A 250 -7.31 -15.51 18.84
CA ILE A 250 -6.57 -16.20 17.82
C ILE A 250 -5.14 -16.39 18.26
N ALA A 251 -4.50 -17.45 17.75
CA ALA A 251 -3.09 -17.72 18.04
C ALA A 251 -2.57 -18.34 16.76
N ARG A 252 -1.51 -17.76 16.20
CA ARG A 252 -1.01 -18.30 14.95
C ARG A 252 0.49 -18.58 14.95
N GLU A 253 0.83 -19.74 14.41
CA GLU A 253 2.21 -20.15 14.24
C GLU A 253 2.23 -20.41 12.75
N PRO A 254 2.53 -19.36 11.98
CA PRO A 254 2.57 -19.41 10.53
C PRO A 254 3.31 -20.59 9.93
N GLY A 255 2.63 -21.30 9.03
CA GLY A 255 3.24 -22.43 8.40
C GLY A 255 2.82 -23.70 9.10
N VAL A 256 2.62 -23.64 10.40
CA VAL A 256 2.24 -24.82 11.12
C VAL A 256 0.78 -24.84 11.55
N ARG A 257 0.35 -23.88 12.35
CA ARG A 257 -1.03 -23.94 12.78
C ARG A 257 -1.63 -22.69 13.39
N THR A 258 -2.91 -22.52 13.12
CA THR A 258 -3.65 -21.43 13.69
C THR A 258 -4.90 -21.97 14.36
N LYS A 259 -5.15 -21.43 15.55
CA LYS A 259 -6.33 -21.77 16.33
C LYS A 259 -7.06 -20.47 16.46
N VAL A 260 -8.35 -20.49 16.23
CA VAL A 260 -9.10 -19.26 16.33
C VAL A 260 -10.42 -19.55 17.03
N ALA A 261 -10.74 -18.73 18.05
CA ALA A 261 -11.99 -18.88 18.82
C ALA A 261 -12.99 -17.81 18.40
N VAL A 262 -14.23 -18.22 18.16
CA VAL A 262 -15.24 -17.31 17.69
C VAL A 262 -16.55 -17.42 18.48
N ALA A 263 -17.42 -16.43 18.31
CA ALA A 263 -18.73 -16.43 18.99
C ALA A 263 -19.74 -15.70 18.13
N SER A 264 -21.01 -16.03 18.29
CA SER A 264 -22.02 -15.31 17.53
C SER A 264 -22.71 -14.26 18.41
N ASN A 265 -22.72 -13.03 17.93
CA ASN A 265 -23.36 -11.88 18.60
C ASN A 265 -24.84 -12.00 18.24
N ASP A 266 -25.16 -13.12 17.60
CA ASP A 266 -26.51 -13.42 17.17
C ASP A 266 -26.75 -14.88 17.45
N PRO A 267 -27.60 -15.18 18.44
CA PRO A 267 -27.92 -16.56 18.81
C PRO A 267 -28.65 -17.36 17.73
N ASN A 268 -28.91 -16.74 16.58
CA ASN A 268 -29.59 -17.42 15.47
C ASN A 268 -28.60 -18.08 14.52
N VAL A 269 -27.37 -17.62 14.59
CA VAL A 269 -26.29 -18.12 13.74
C VAL A 269 -25.27 -18.89 14.57
N ASP A 270 -24.93 -20.12 14.17
CA ASP A 270 -23.91 -20.91 14.88
C ASP A 270 -22.55 -20.39 14.42
N PRO A 271 -21.70 -19.98 15.36
CA PRO A 271 -20.38 -19.46 15.00
C PRO A 271 -19.63 -20.43 14.06
N ILE A 272 -19.50 -21.67 14.51
CA ILE A 272 -18.79 -22.69 13.75
C ILE A 272 -19.43 -22.98 12.40
N GLY A 273 -20.75 -23.14 12.40
CA GLY A 273 -21.43 -23.39 11.15
C GLY A 273 -21.20 -22.27 10.14
N ALA A 274 -21.22 -21.03 10.61
CA ALA A 274 -21.01 -19.90 9.70
C ALA A 274 -19.59 -19.96 9.14
N CYS A 275 -18.66 -20.47 9.94
CA CYS A 275 -17.28 -20.57 9.50
C CYS A 275 -16.99 -21.77 8.61
N ILE A 276 -17.60 -22.92 8.88
CA ILE A 276 -17.36 -24.11 8.06
C ILE A 276 -18.00 -23.88 6.69
N GLY A 277 -19.26 -23.45 6.74
CA GLY A 277 -19.98 -23.17 5.51
C GLY A 277 -20.60 -24.34 4.79
N GLU A 278 -21.36 -23.96 3.77
CA GLU A 278 -22.08 -24.86 2.88
C GLU A 278 -21.18 -25.99 2.38
N GLY A 279 -21.34 -27.19 2.94
CA GLY A 279 -20.52 -28.30 2.50
C GLY A 279 -19.03 -28.04 2.71
N GLY A 280 -18.74 -27.18 3.69
CA GLY A 280 -17.38 -26.85 4.03
C GLY A 280 -16.61 -26.06 2.99
N SER A 281 -17.32 -25.37 2.11
CA SER A 281 -16.64 -24.60 1.09
C SER A 281 -15.88 -23.39 1.65
N ARG A 282 -16.31 -22.86 2.79
CA ARG A 282 -15.62 -21.71 3.34
C ARG A 282 -14.24 -21.98 4.01
N ILE A 283 -14.13 -22.97 4.91
CA ILE A 283 -12.80 -23.23 5.51
C ILE A 283 -11.93 -23.81 4.42
N ALA A 284 -12.57 -24.47 3.46
CA ALA A 284 -11.88 -25.08 2.33
C ALA A 284 -11.10 -24.00 1.60
N ALA A 285 -11.77 -22.89 1.31
CA ALA A 285 -11.14 -21.78 0.61
C ALA A 285 -10.07 -21.16 1.52
N ILE A 286 -10.38 -21.05 2.80
CA ILE A 286 -9.41 -20.50 3.73
C ILE A 286 -8.16 -21.38 3.76
N LEU A 287 -8.33 -22.66 4.11
CA LEU A 287 -7.22 -23.63 4.17
C LEU A 287 -6.36 -23.65 2.91
N LYS A 288 -6.98 -23.58 1.74
CA LYS A 288 -6.21 -23.61 0.52
C LYS A 288 -5.27 -22.42 0.49
N GLU A 289 -5.80 -21.23 0.80
CA GLU A 289 -5.00 -20.03 0.79
C GLU A 289 -3.80 -20.11 1.76
N LEU A 290 -3.98 -20.87 2.84
CA LEU A 290 -2.93 -21.06 3.85
C LEU A 290 -1.95 -22.16 3.49
N LYS A 291 -2.10 -22.72 2.30
CA LYS A 291 -1.21 -23.79 1.86
C LYS A 291 -1.23 -24.88 2.93
N GLY A 292 -0.08 -25.37 3.37
CA GLY A 292 -0.16 -26.40 4.39
C GLY A 292 -0.65 -26.06 5.80
N GLU A 293 -0.67 -24.78 6.17
CA GLU A 293 -1.07 -24.39 7.52
C GLU A 293 -2.39 -24.95 8.04
N LYS A 294 -2.35 -25.48 9.25
CA LYS A 294 -3.52 -26.04 9.89
C LYS A 294 -4.34 -24.93 10.48
N LEU A 295 -5.67 -25.08 10.44
CA LEU A 295 -6.57 -24.10 11.01
C LEU A 295 -7.64 -24.72 11.91
N ASP A 296 -7.71 -24.30 13.15
CA ASP A 296 -8.74 -24.82 14.07
C ASP A 296 -9.70 -23.71 14.40
N VAL A 297 -10.96 -23.96 14.08
CA VAL A 297 -12.00 -23.02 14.40
C VAL A 297 -12.77 -23.58 15.60
N LEU A 298 -12.78 -22.84 16.72
CA LEU A 298 -13.51 -23.31 17.91
C LEU A 298 -14.37 -22.25 18.60
N LYS A 299 -15.38 -22.70 19.35
CA LYS A 299 -16.28 -21.79 20.07
C LYS A 299 -15.60 -21.14 21.24
N TRP A 300 -15.82 -19.85 21.41
CA TRP A 300 -15.23 -19.20 22.55
C TRP A 300 -16.15 -19.48 23.72
N SER A 301 -15.64 -19.28 24.93
CA SER A 301 -16.42 -19.50 26.17
C SER A 301 -15.85 -18.66 27.30
N ASP A 302 -16.75 -18.00 28.02
CA ASP A 302 -16.35 -17.17 29.14
C ASP A 302 -15.77 -18.06 30.22
N ASP A 303 -16.15 -19.33 30.18
CA ASP A 303 -15.71 -20.36 31.12
C ASP A 303 -14.34 -20.87 30.68
N PRO A 304 -13.26 -20.42 31.35
CA PRO A 304 -11.89 -20.82 31.02
C PRO A 304 -11.77 -22.33 30.81
N LYS A 305 -12.32 -23.11 31.75
CA LYS A 305 -12.28 -24.56 31.65
C LYS A 305 -12.86 -25.06 30.32
N GLN A 306 -13.93 -24.45 29.85
CA GLN A 306 -14.51 -24.87 28.59
C GLN A 306 -13.71 -24.33 27.40
N LEU A 307 -13.16 -23.13 27.56
CA LEU A 307 -12.36 -22.52 26.52
C LEU A 307 -11.21 -23.48 26.26
N ILE A 308 -10.45 -23.75 27.32
CA ILE A 308 -9.28 -24.63 27.25
C ILE A 308 -9.67 -25.93 26.56
N ALA A 309 -10.77 -26.53 26.99
CA ALA A 309 -11.23 -27.77 26.39
C ALA A 309 -11.53 -27.59 24.90
N ASN A 310 -12.01 -26.41 24.53
CA ASN A 310 -12.31 -26.16 23.12
C ASN A 310 -11.04 -25.99 22.30
N ALA A 311 -9.98 -25.50 22.95
CA ALA A 311 -8.70 -25.25 22.31
C ALA A 311 -7.82 -26.49 22.09
N LEU A 312 -8.10 -27.59 22.79
CA LEU A 312 -7.32 -28.80 22.63
C LEU A 312 -7.93 -29.63 21.52
N ALA A 313 -8.44 -28.87 20.56
CA ALA A 313 -9.02 -29.30 19.32
C ALA A 313 -9.74 -30.61 19.25
N PRO A 314 -9.35 -31.51 18.33
CA PRO A 314 -9.91 -32.88 18.47
C PRO A 314 -9.77 -33.79 19.66
N ALA A 315 -8.79 -33.54 20.53
CA ALA A 315 -8.67 -34.44 21.67
C ALA A 315 -9.90 -34.14 22.48
N THR A 316 -10.39 -35.15 23.16
CA THR A 316 -11.56 -35.00 23.99
C THR A 316 -11.06 -34.86 25.41
N VAL A 317 -11.25 -33.70 26.01
CA VAL A 317 -10.81 -33.47 27.37
C VAL A 317 -11.90 -33.98 28.32
N ILE A 318 -11.49 -34.53 29.45
CA ILE A 318 -12.43 -35.08 30.42
C ILE A 318 -12.69 -34.06 31.52
N GLU A 319 -11.63 -33.45 32.00
CA GLU A 319 -11.70 -32.42 33.02
C GLU A 319 -10.48 -31.49 32.98
N VAL A 320 -10.70 -30.22 33.28
CA VAL A 320 -9.62 -29.25 33.35
C VAL A 320 -9.48 -28.97 34.83
N GLU A 321 -8.25 -29.00 35.32
CA GLU A 321 -7.92 -28.77 36.72
C GLU A 321 -7.24 -27.42 36.83
N ILE A 322 -7.96 -26.40 37.26
CA ILE A 322 -7.38 -25.07 37.38
C ILE A 322 -6.52 -24.93 38.63
N LEU A 323 -5.32 -25.49 38.58
CA LEU A 323 -4.41 -25.44 39.71
C LEU A 323 -3.66 -24.11 39.83
N ASP A 324 -4.40 -23.01 39.73
CA ASP A 324 -3.86 -21.65 39.85
C ASP A 324 -4.77 -20.64 39.16
N LYS A 325 -5.87 -20.29 39.83
CA LYS A 325 -6.85 -19.35 39.30
C LYS A 325 -6.23 -17.96 39.31
N GLU A 326 -4.96 -17.92 39.67
CA GLU A 326 -4.19 -16.69 39.74
C GLU A 326 -3.25 -16.54 38.55
N ASN A 327 -2.22 -17.37 38.51
CA ASN A 327 -1.25 -17.31 37.42
C ASN A 327 -1.73 -18.03 36.13
N LYS A 328 -3.03 -18.27 36.04
CA LYS A 328 -3.63 -18.92 34.88
C LYS A 328 -2.90 -20.18 34.44
N ALA A 329 -2.90 -21.19 35.31
CA ALA A 329 -2.26 -22.46 35.03
C ALA A 329 -3.24 -23.59 35.36
N ALA A 330 -3.29 -24.60 34.51
CA ALA A 330 -4.22 -25.70 34.75
C ALA A 330 -3.67 -27.04 34.31
N ARG A 331 -4.38 -28.08 34.72
CA ARG A 331 -4.01 -29.45 34.38
C ARG A 331 -5.18 -30.04 33.64
N VAL A 332 -4.89 -30.63 32.49
CA VAL A 332 -5.96 -31.21 31.69
C VAL A 332 -5.86 -32.73 31.63
N LEU A 333 -6.96 -33.40 31.87
CA LEU A 333 -6.92 -34.85 31.83
C LEU A 333 -7.63 -35.34 30.58
N VAL A 334 -6.94 -36.20 29.84
CA VAL A 334 -7.48 -36.73 28.62
C VAL A 334 -7.34 -38.25 28.59
N PRO A 335 -8.17 -38.91 27.75
CA PRO A 335 -8.08 -40.37 27.66
C PRO A 335 -6.68 -40.74 27.21
N PRO A 336 -6.17 -41.83 27.75
CA PRO A 336 -4.84 -42.34 27.43
C PRO A 336 -4.54 -42.32 25.94
N THR A 337 -5.46 -42.85 25.13
CA THR A 337 -5.26 -42.95 23.68
C THR A 337 -5.30 -41.60 22.96
N GLN A 338 -5.57 -40.53 23.71
CA GLN A 338 -5.56 -39.20 23.13
C GLN A 338 -4.51 -38.31 23.74
N LEU A 339 -3.54 -38.91 24.40
CA LEU A 339 -2.51 -38.10 25.03
C LEU A 339 -1.66 -37.40 23.99
N SER A 340 -1.07 -38.12 23.05
CA SER A 340 -0.23 -37.40 22.08
C SER A 340 -1.06 -36.52 21.14
N LEU A 341 -2.31 -36.92 20.91
CA LEU A 341 -3.17 -36.12 20.05
C LEU A 341 -3.44 -34.75 20.69
N ALA A 342 -3.70 -34.76 22.00
CA ALA A 342 -3.97 -33.55 22.78
C ALA A 342 -2.78 -32.64 22.76
N ILE A 343 -1.61 -33.25 22.82
CA ILE A 343 -0.35 -32.50 22.84
C ILE A 343 0.05 -32.00 21.45
N GLY A 344 -0.12 -32.88 20.47
CA GLY A 344 0.22 -32.53 19.11
C GLY A 344 1.66 -32.69 18.71
N LYS A 345 1.89 -32.81 17.40
CA LYS A 345 3.23 -32.96 16.87
C LYS A 345 4.06 -31.83 17.48
N GLY A 346 5.26 -32.15 17.96
CA GLY A 346 6.10 -31.14 18.57
C GLY A 346 5.34 -30.37 19.62
N GLY A 347 4.25 -30.94 20.11
CA GLY A 347 3.43 -30.27 21.10
C GLY A 347 2.70 -29.01 20.61
N GLN A 348 2.57 -28.87 19.30
CA GLN A 348 1.89 -27.70 18.74
C GLN A 348 0.42 -27.50 19.15
N ASN A 349 -0.29 -28.56 19.54
CA ASN A 349 -1.69 -28.42 19.92
C ASN A 349 -1.83 -27.72 21.25
N ALA A 350 -1.10 -28.22 22.22
CA ALA A 350 -1.15 -27.66 23.55
C ALA A 350 -0.52 -26.26 23.57
N ARG A 351 0.59 -26.11 22.88
CA ARG A 351 1.24 -24.82 22.82
C ARG A 351 0.24 -23.79 22.27
N LEU A 352 -0.34 -24.10 21.11
CA LEU A 352 -1.30 -23.20 20.48
C LEU A 352 -2.53 -22.97 21.30
N ALA A 353 -2.94 -23.96 22.09
CA ALA A 353 -4.11 -23.75 22.93
C ALA A 353 -3.66 -22.87 24.08
N ALA A 354 -2.39 -22.98 24.44
CA ALA A 354 -1.89 -22.18 25.54
C ALA A 354 -1.85 -20.70 25.17
N LYS A 355 -1.38 -20.41 23.96
CA LYS A 355 -1.27 -19.04 23.46
C LYS A 355 -2.62 -18.44 23.24
N LEU A 356 -3.57 -19.26 22.82
CA LEU A 356 -4.92 -18.80 22.54
C LEU A 356 -5.71 -18.40 23.77
N THR A 357 -5.49 -19.13 24.85
CA THR A 357 -6.18 -18.94 26.11
C THR A 357 -5.42 -18.02 27.04
N GLY A 358 -4.10 -18.08 26.93
CA GLY A 358 -3.27 -17.27 27.79
C GLY A 358 -2.93 -18.07 29.04
N TRP A 359 -3.44 -19.30 29.09
CA TRP A 359 -3.16 -20.17 30.22
C TRP A 359 -2.02 -21.11 29.95
N LYS A 360 -1.32 -21.49 31.01
CA LYS A 360 -0.24 -22.45 30.92
C LYS A 360 -1.00 -23.76 31.11
N ILE A 361 -0.85 -24.72 30.19
CA ILE A 361 -1.57 -25.97 30.39
C ILE A 361 -0.66 -27.19 30.35
N ASP A 362 -0.98 -28.14 31.20
CA ASP A 362 -0.21 -29.38 31.26
C ASP A 362 -1.22 -30.49 31.01
N ILE A 363 -0.93 -31.31 30.01
CA ILE A 363 -1.83 -32.42 29.71
C ILE A 363 -1.40 -33.72 30.42
N LYS A 364 -2.39 -34.42 30.95
CA LYS A 364 -2.16 -35.69 31.61
C LYS A 364 -3.27 -36.71 31.33
N PRO A 365 -2.92 -38.01 31.22
CA PRO A 365 -3.83 -39.13 30.96
C PRO A 365 -4.58 -39.43 32.28
N ILE A 366 -5.87 -39.71 32.22
CA ILE A 366 -6.61 -39.99 33.45
C ILE A 366 -6.35 -41.34 34.08
N MSE A 367 -6.67 -41.44 35.37
CA MSE A 367 -6.53 -42.64 36.20
C MSE A 367 -5.17 -43.32 36.25
O MSE A 367 -4.85 -44.00 37.23
CB MSE A 367 -7.60 -43.68 35.82
CG MSE A 367 -7.61 -44.89 36.75
SE MSE A 367 -8.88 -46.14 36.42
CE MSE A 367 -10.24 -45.54 37.45
N ASN A 368 -4.36 -43.14 35.20
CA ASN A 368 -3.04 -43.74 35.15
C ASN A 368 -1.93 -42.68 35.18
N LEU A 369 -1.50 -42.32 36.39
CA LEU A 369 -0.46 -41.32 36.61
C LEU A 369 -0.32 -40.29 35.47
#